data_8OXD
#
_entry.id   8OXD
#
_cell.length_a   39.590
_cell.length_b   53.260
_cell.length_c   53.740
_cell.angle_alpha   90.000
_cell.angle_beta   90.000
_cell.angle_gamma   90.000
#
_symmetry.space_group_name_H-M   'P 21 21 21'
#
loop_
_entity.id
_entity.type
_entity.pdbx_description
1 polymer 'Lymphatic vessel endothelial hyaluronic acid receptor 1'
2 branched '2-acetamido-2-deoxy-beta-D-glucopyranose-(1-4)-beta-D-glucopyranuronic acid-(1-3)-2-acetamido-2-deoxy-beta-D-glucopyranose-(1-4)-beta-D-glucopyranuronic acid-(1-3)-2-acetamido-2-deoxy-beta-D-glucopyranose-(1-4)-beta-D-glucopyranuronic acid'
3 non-polymer 2-acetamido-2-deoxy-beta-D-glucopyranose
4 water water
#
_entity_poly.entity_id   1
_entity_poly.type   'polypeptide(L)'
_entity_poly.pdbx_seq_one_letter_code
;MARCFSLVLLLTSIWTTRLLVQGSLRAEELSIQVSCRIMGITLVSKKANQQLNFTEAKEACRLLGLSLAGKDQVETALKA
SFETCSYGWVGDGFVVISRISPNPKCGKNGVGVLIWKVPVSRQFAAYCYNSSDTWTNSCIPEIIHH
;
_entity_poly.pdbx_strand_id   A
#
# COMPACT_ATOMS: atom_id res chain seq x y z
N LEU A 25 -16.57 -2.45 -8.67
CA LEU A 25 -15.96 -2.80 -7.39
C LEU A 25 -16.83 -2.32 -6.24
N ARG A 26 -17.06 -3.22 -5.28
CA ARG A 26 -17.87 -2.92 -4.11
C ARG A 26 -16.99 -2.88 -2.87
N ALA A 27 -17.34 -1.97 -1.96
CA ALA A 27 -16.54 -1.81 -0.74
C ALA A 27 -16.47 -3.10 0.06
N GLU A 28 -17.56 -3.87 0.10
CA GLU A 28 -17.57 -5.08 0.92
C GLU A 28 -16.61 -6.15 0.42
N GLU A 29 -16.07 -6.03 -0.79
CA GLU A 29 -15.14 -7.02 -1.27
C GLU A 29 -13.69 -6.65 -1.01
N LEU A 30 -13.45 -5.64 -0.17
CA LEU A 30 -12.12 -5.17 0.17
C LEU A 30 -11.66 -5.71 1.52
N SER A 31 -10.36 -5.91 1.63
CA SER A 31 -9.73 -6.25 2.90
C SER A 31 -8.74 -5.14 3.22
N ILE A 32 -8.81 -4.62 4.44
CA ILE A 32 -7.83 -3.64 4.93
C ILE A 32 -6.77 -4.40 5.71
N GLN A 33 -5.52 -4.34 5.27
CA GLN A 33 -4.60 -5.35 5.73
C GLN A 33 -3.55 -4.70 6.66
N VAL A 34 -3.64 -3.38 6.87
CA VAL A 34 -2.87 -2.65 7.87
C VAL A 34 -3.85 -1.79 8.67
N SER A 35 -4.05 -2.15 9.94
CA SER A 35 -4.95 -1.40 10.79
C SER A 35 -4.27 -0.20 11.47
N CYS A 36 -2.98 -0.30 11.76
CA CYS A 36 -2.23 0.79 12.37
C CYS A 36 -1.46 1.45 11.25
N ARG A 37 -2.01 2.54 10.72
CA ARG A 37 -1.41 3.19 9.57
C ARG A 37 -0.12 3.89 9.95
N ILE A 38 0.88 3.75 9.07
CA ILE A 38 2.22 4.31 9.29
C ILE A 38 2.39 5.48 8.33
N MET A 39 2.62 6.67 8.88
CA MET A 39 2.60 7.88 8.06
C MET A 39 1.44 7.93 7.08
N GLY A 40 0.25 7.59 7.57
CA GLY A 40 -0.95 7.66 6.77
C GLY A 40 -1.20 6.50 5.83
N ILE A 41 -0.31 5.52 5.78
CA ILE A 41 -0.35 4.49 4.73
C ILE A 41 -1.00 3.22 5.25
N THR A 42 -1.89 2.65 4.43
CA THR A 42 -2.39 1.30 4.65
C THR A 42 -2.24 0.51 3.35
N LEU A 43 -2.40 -0.80 3.47
CA LEU A 43 -2.40 -1.70 2.34
C LEU A 43 -3.80 -2.32 2.25
N VAL A 44 -4.41 -2.21 1.08
CA VAL A 44 -5.76 -2.71 0.83
C VAL A 44 -5.68 -3.76 -0.27
N SER A 45 -6.43 -4.82 -0.09
CA SER A 45 -6.45 -5.91 -1.05
C SER A 45 -7.89 -6.37 -1.18
N LYS A 46 -8.05 -7.39 -1.99
CA LYS A 46 -9.39 -7.84 -2.26
C LYS A 46 -9.62 -9.23 -1.70
N LYS A 47 -10.82 -9.43 -1.12
CA LYS A 47 -11.03 -10.68 -0.41
C LYS A 47 -11.08 -11.87 -1.35
N ALA A 48 -11.26 -11.63 -2.64
CA ALA A 48 -11.44 -12.68 -3.64
C ALA A 48 -10.11 -13.23 -4.13
N ASN A 49 -10.17 -14.08 -5.16
CA ASN A 49 -8.96 -14.65 -5.74
C ASN A 49 -8.32 -13.74 -6.79
N GLN A 50 -9.05 -12.79 -7.36
CA GLN A 50 -8.38 -11.71 -8.09
C GLN A 50 -8.23 -10.43 -7.30
N GLN A 51 -7.09 -9.77 -7.54
CA GLN A 51 -6.75 -8.52 -6.88
C GLN A 51 -7.09 -7.35 -7.77
N LEU A 52 -6.37 -6.25 -7.64
CA LEU A 52 -6.82 -4.96 -8.15
C LEU A 52 -5.91 -4.50 -9.27
N ASN A 53 -6.49 -4.22 -10.44
CA ASN A 53 -5.73 -3.50 -11.47
C ASN A 53 -5.59 -2.04 -11.07
N PHE A 54 -4.90 -1.23 -11.87
CA PHE A 54 -4.61 0.14 -11.45
C PHE A 54 -5.90 0.94 -11.20
N THR A 55 -6.86 0.84 -12.12
CA THR A 55 -8.12 1.56 -11.98
C THR A 55 -8.84 1.10 -10.73
N GLU A 56 -8.88 -0.20 -10.51
CA GLU A 56 -9.56 -0.76 -9.34
C GLU A 56 -8.85 -0.38 -8.05
N ALA A 57 -7.52 -0.27 -8.07
CA ALA A 57 -6.79 0.14 -6.87
C ALA A 57 -7.16 1.55 -6.46
N LYS A 58 -7.23 2.46 -7.44
CA LYS A 58 -7.68 3.82 -7.11
C LYS A 58 -9.10 3.78 -6.55
N GLU A 59 -9.97 2.98 -7.15
CA GLU A 59 -11.35 2.89 -6.68
C GLU A 59 -11.42 2.32 -5.27
N ALA A 60 -10.60 1.31 -4.98
CA ALA A 60 -10.60 0.74 -3.64
C ALA A 60 -10.28 1.78 -2.59
N CYS A 61 -9.23 2.58 -2.82
CA CYS A 61 -8.92 3.63 -1.86
C CYS A 61 -10.04 4.66 -1.78
N ARG A 62 -10.57 5.07 -2.94
CA ARG A 62 -11.65 6.05 -2.95
C ARG A 62 -12.85 5.58 -2.14
N LEU A 63 -13.22 4.31 -2.28
CA LEU A 63 -14.38 3.81 -1.55
C LEU A 63 -14.16 3.90 -0.05
N LEU A 64 -12.91 3.84 0.40
CA LEU A 64 -12.57 3.96 1.80
C LEU A 64 -12.31 5.40 2.24
N GLY A 65 -12.49 6.37 1.34
CA GLY A 65 -12.22 7.75 1.70
C GLY A 65 -10.74 8.09 1.71
N LEU A 66 -9.94 7.36 0.96
CA LEU A 66 -8.50 7.55 0.92
C LEU A 66 -8.08 7.77 -0.53
N SER A 67 -6.88 8.31 -0.70
CA SER A 67 -6.30 8.39 -2.03
C SER A 67 -5.34 7.23 -2.24
N LEU A 68 -5.03 6.94 -3.50
CA LEU A 68 -3.98 5.98 -3.77
C LEU A 68 -2.65 6.64 -3.46
N ALA A 69 -1.83 5.99 -2.64
CA ALA A 69 -0.57 6.60 -2.21
C ALA A 69 0.38 6.74 -3.39
N GLY A 70 1.24 7.74 -3.32
CA GLY A 70 2.38 7.78 -4.20
C GLY A 70 3.55 7.02 -3.63
N LYS A 71 4.47 6.64 -4.53
CA LYS A 71 5.69 5.99 -4.07
C LYS A 71 6.40 6.81 -3.00
N ASP A 72 6.46 8.13 -3.17
CA ASP A 72 7.17 8.94 -2.19
C ASP A 72 6.51 8.83 -0.82
N GLN A 73 5.18 8.67 -0.78
CA GLN A 73 4.51 8.53 0.49
C GLN A 73 4.80 7.16 1.12
N VAL A 74 4.99 6.11 0.30
CA VAL A 74 5.39 4.83 0.86
C VAL A 74 6.81 4.89 1.39
N GLU A 75 7.70 5.61 0.73
CA GLU A 75 9.05 5.80 1.26
C GLU A 75 9.00 6.49 2.61
N THR A 76 8.16 7.51 2.74
CA THR A 76 8.04 8.17 4.04
C THR A 76 7.57 7.18 5.11
N ALA A 77 6.63 6.31 4.76
CA ALA A 77 6.17 5.28 5.69
C ALA A 77 7.27 4.28 6.00
N LEU A 78 8.05 3.88 4.98
CA LEU A 78 9.16 2.96 5.22
C LEU A 78 10.16 3.55 6.22
N LYS A 79 10.40 4.86 6.13
CA LYS A 79 11.29 5.52 7.09
C LYS A 79 10.82 5.31 8.52
N ALA A 80 9.52 5.14 8.71
CA ALA A 80 8.91 4.84 10.00
C ALA A 80 8.68 3.35 10.20
N SER A 81 9.32 2.51 9.37
CA SER A 81 9.33 1.06 9.49
C SER A 81 8.05 0.35 9.02
N PHE A 82 7.34 0.99 8.09
CA PHE A 82 6.25 0.32 7.39
C PHE A 82 6.83 -0.73 6.45
N GLU A 83 6.36 -1.98 6.58
CA GLU A 83 6.86 -3.08 5.76
C GLU A 83 5.71 -3.96 5.31
N THR A 84 5.80 -4.44 4.07
CA THR A 84 4.84 -5.39 3.54
CA THR A 84 4.84 -5.40 3.58
C THR A 84 5.56 -6.48 2.77
N CYS A 85 4.84 -7.56 2.51
CA CYS A 85 5.32 -8.54 1.53
C CYS A 85 4.26 -8.69 0.45
N SER A 86 3.79 -7.56 -0.09
CA SER A 86 2.85 -7.53 -1.19
C SER A 86 3.21 -6.39 -2.12
N TYR A 87 3.27 -6.65 -3.41
CA TYR A 87 3.31 -5.55 -4.35
C TYR A 87 1.93 -4.93 -4.42
N GLY A 88 1.90 -3.62 -4.51
CA GLY A 88 0.64 -2.90 -4.59
C GLY A 88 0.78 -1.63 -5.40
N TRP A 89 -0.31 -1.24 -6.03
CA TRP A 89 -0.34 -0.06 -6.88
C TRP A 89 -0.09 1.21 -6.07
N VAL A 90 0.63 2.13 -6.70
CA VAL A 90 0.75 3.50 -6.26
C VAL A 90 0.31 4.41 -7.40
N GLY A 91 0.03 5.67 -7.06
CA GLY A 91 -0.51 6.60 -8.04
C GLY A 91 0.42 6.91 -9.20
N ASP A 92 1.72 6.64 -9.04
CA ASP A 92 2.70 6.82 -10.10
C ASP A 92 2.50 5.88 -11.27
N GLY A 93 1.65 4.86 -11.14
CA GLY A 93 1.37 4.00 -12.26
C GLY A 93 2.25 2.78 -12.35
N PHE A 94 2.81 2.33 -11.23
CA PHE A 94 3.53 1.07 -11.14
C PHE A 94 3.22 0.49 -9.77
N VAL A 95 3.75 -0.70 -9.47
CA VAL A 95 3.55 -1.33 -8.17
C VAL A 95 4.85 -1.28 -7.37
N VAL A 96 4.71 -1.24 -6.04
CA VAL A 96 5.85 -1.18 -5.13
C VAL A 96 5.65 -2.16 -4.01
N ILE A 97 6.75 -2.44 -3.32
CA ILE A 97 6.78 -3.23 -2.09
C ILE A 97 7.68 -2.48 -1.12
N SER A 98 7.33 -2.48 0.16
CA SER A 98 8.07 -1.74 1.18
C SER A 98 8.81 -2.72 2.09
N ARG A 99 10.15 -2.71 2.04
CA ARG A 99 10.95 -3.72 2.72
C ARG A 99 11.91 -3.10 3.72
N ILE A 100 11.87 -3.59 4.96
CA ILE A 100 12.83 -3.23 5.99
C ILE A 100 13.97 -4.23 6.06
N SER A 101 13.67 -5.51 5.90
CA SER A 101 14.66 -6.55 6.10
C SER A 101 14.55 -7.52 4.93
N PRO A 102 15.68 -8.02 4.44
CA PRO A 102 15.66 -8.84 3.22
C PRO A 102 14.95 -10.18 3.42
N ASN A 103 14.13 -10.54 2.43
CA ASN A 103 13.47 -11.82 2.37
C ASN A 103 13.40 -12.20 0.90
N PRO A 104 13.89 -13.38 0.51
CA PRO A 104 13.91 -13.72 -0.93
C PRO A 104 12.56 -13.74 -1.60
N LYS A 105 11.47 -13.90 -0.85
CA LYS A 105 10.12 -13.96 -1.43
C LYS A 105 9.44 -12.59 -1.47
N CYS A 106 10.10 -11.54 -1.02
CA CYS A 106 9.50 -10.23 -0.89
C CYS A 106 10.43 -9.20 -1.53
N GLY A 107 10.17 -8.84 -2.78
CA GLY A 107 11.02 -7.87 -3.46
C GLY A 107 12.40 -8.41 -3.76
N LYS A 108 12.47 -9.69 -4.05
CA LYS A 108 13.74 -10.34 -4.38
C LYS A 108 14.86 -10.09 -3.38
N ASN A 109 14.53 -10.11 -2.10
CA ASN A 109 15.53 -9.95 -1.04
C ASN A 109 16.03 -8.53 -0.85
N GLY A 110 15.41 -7.53 -1.46
CA GLY A 110 15.89 -6.17 -1.32
C GLY A 110 15.28 -5.48 -0.12
N VAL A 111 15.87 -4.34 0.24
CA VAL A 111 15.25 -3.42 1.18
C VAL A 111 15.08 -2.08 0.48
N GLY A 112 14.09 -1.33 0.93
CA GLY A 112 13.68 -0.11 0.29
C GLY A 112 12.26 -0.23 -0.19
N VAL A 113 11.80 0.81 -0.88
CA VAL A 113 10.54 0.77 -1.61
C VAL A 113 10.88 0.43 -3.05
N LEU A 114 10.59 -0.80 -3.44
CA LEU A 114 11.09 -1.33 -4.69
C LEU A 114 10.00 -1.26 -5.75
N ILE A 115 10.39 -0.91 -6.98
CA ILE A 115 9.47 -0.62 -8.07
C ILE A 115 9.44 -1.80 -9.02
N TRP A 116 8.24 -2.16 -9.45
CA TRP A 116 8.07 -3.17 -10.50
C TRP A 116 7.10 -2.57 -11.51
N LYS A 117 7.57 -2.39 -12.74
CA LYS A 117 6.75 -1.81 -13.80
C LYS A 117 5.93 -2.90 -14.46
N VAL A 118 4.61 -2.79 -14.33
CA VAL A 118 3.70 -3.82 -14.81
C VAL A 118 2.61 -3.15 -15.64
N PRO A 119 1.92 -3.92 -16.47
CA PRO A 119 0.78 -3.37 -17.21
C PRO A 119 -0.27 -2.94 -16.22
N VAL A 120 -0.95 -1.84 -16.54
CA VAL A 120 -2.00 -1.35 -15.64
C VAL A 120 -3.16 -2.31 -15.53
N SER A 121 -3.25 -3.29 -16.42
CA SER A 121 -4.25 -4.35 -16.29
C SER A 121 -3.86 -5.43 -15.29
N ARG A 122 -2.63 -5.44 -14.80
CA ARG A 122 -2.20 -6.50 -13.89
C ARG A 122 -2.74 -6.24 -12.47
N GLN A 123 -3.15 -7.30 -11.78
CA GLN A 123 -3.82 -7.14 -10.50
C GLN A 123 -2.88 -7.36 -9.32
N PHE A 124 -2.93 -6.42 -8.38
CA PHE A 124 -2.11 -6.42 -7.18
C PHE A 124 -2.92 -5.78 -6.07
N ALA A 125 -2.28 -5.57 -4.91
CA ALA A 125 -2.87 -4.83 -3.80
C ALA A 125 -2.82 -3.34 -4.12
N ALA A 126 -3.22 -2.51 -3.17
CA ALA A 126 -3.21 -1.07 -3.30
C ALA A 126 -2.66 -0.45 -2.03
N TYR A 127 -1.79 0.54 -2.19
CA TYR A 127 -1.37 1.35 -1.05
C TYR A 127 -2.25 2.60 -1.00
N CYS A 128 -2.96 2.79 0.11
CA CYS A 128 -3.84 3.93 0.27
C CYS A 128 -3.25 4.88 1.30
N TYR A 129 -3.55 6.16 1.15
CA TYR A 129 -2.98 7.19 2.00
C TYR A 129 -4.10 7.97 2.67
N ASN A 130 -3.97 8.18 3.97
CA ASN A 130 -4.96 8.89 4.77
C ASN A 130 -4.33 10.20 5.23
N SER A 131 -4.69 11.30 4.58
CA SER A 131 -4.08 12.58 4.90
C SER A 131 -4.47 13.09 6.28
N SER A 132 -5.58 12.63 6.83
CA SER A 132 -6.00 13.11 8.15
C SER A 132 -5.12 12.59 9.27
N ASP A 133 -4.37 11.52 9.06
CA ASP A 133 -3.48 11.03 10.11
C ASP A 133 -2.43 12.09 10.43
N THR A 134 -2.26 12.35 11.71
CA THR A 134 -1.23 13.27 12.18
C THR A 134 -0.15 12.62 13.03
N TRP A 135 -0.31 11.33 13.35
CA TRP A 135 0.67 10.59 14.12
C TRP A 135 1.46 9.66 13.21
N THR A 136 2.69 9.36 13.62
CA THR A 136 3.53 8.46 12.84
C THR A 136 2.90 7.08 12.72
N ASN A 137 2.34 6.59 13.81
CA ASN A 137 1.64 5.31 13.85
C ASN A 137 0.26 5.62 14.41
N SER A 138 -0.79 5.41 13.60
CA SER A 138 -2.11 5.84 14.03
C SER A 138 -2.58 5.16 15.31
N CYS A 139 -1.92 4.08 15.73
CA CYS A 139 -2.21 3.40 16.99
C CYS A 139 -1.37 3.91 18.16
N ILE A 140 -0.56 4.95 17.96
CA ILE A 140 0.35 5.44 18.99
C ILE A 140 0.24 6.96 19.10
N PRO A 141 -0.42 7.49 20.12
CA PRO A 141 -0.52 8.95 20.27
C PRO A 141 0.85 9.58 20.40
N GLU A 142 1.01 10.76 19.78
CA GLU A 142 2.29 11.46 19.76
C GLU A 142 2.05 12.96 19.84
N ILE A 143 3.02 13.65 20.45
CA ILE A 143 3.02 15.11 20.54
C ILE A 143 3.83 15.69 19.38
#